data_9F5C
#
_entry.id   9F5C
#
_cell.length_a   37.999
_cell.length_b   43.957
_cell.length_c   56.030
_cell.angle_alpha   90.000
_cell.angle_beta   94.510
_cell.angle_gamma   90.000
#
_symmetry.space_group_name_H-M   'P 1 21 1'
#
loop_
_entity.id
_entity.type
_entity.pdbx_description
1 polymer 'Heterogeneous nuclear ribonucleoprotein A1, N-terminally processed'
2 non-polymer N-[3-(carbamoylamino)phenyl]acetamide
3 water water
#
_entity_poly.entity_id   1
_entity_poly.type   'polypeptide(L)'
_entity_poly.pdbx_seq_one_letter_code
;GPMGSKSESPKEPEQLRKLFIGGLSFETTDESLRSHFEQWGTLTDCVVMRDPNTKRSRGFGFVTYATVEEVDAAMNARPH
KVDGRVVEPKRAVSREDSQRPGAHLTVKKIFVGGIKEDTEEHHLRDYFEQYGKIEVIEIMTDRGSGKKRGFAFVTFDDHD
SVDKIVIQKYHTVNGHNCEVRKALSKQEMASASSSQRG
;
_entity_poly.pdbx_strand_id   A
#
# COMPACT_ATOMS: atom_id res chain seq x y z
N PRO A 10 -21.39 7.51 -4.44
CA PRO A 10 -20.61 7.99 -3.29
C PRO A 10 -19.10 7.83 -3.52
N LYS A 11 -18.35 8.89 -3.24
CA LYS A 11 -16.91 8.89 -3.43
C LYS A 11 -16.23 8.16 -2.29
N GLU A 12 -15.15 7.45 -2.61
CA GLU A 12 -14.35 6.84 -1.56
C GLU A 12 -13.79 7.94 -0.67
N PRO A 13 -13.59 7.67 0.62
CA PRO A 13 -12.99 8.68 1.50
C PRO A 13 -11.68 9.22 0.93
N GLU A 14 -11.51 10.54 1.05
CA GLU A 14 -10.36 11.21 0.45
C GLU A 14 -9.04 10.63 0.96
N GLN A 15 -8.98 10.25 2.25
CA GLN A 15 -7.75 9.69 2.80
C GLN A 15 -7.27 8.47 2.02
N LEU A 16 -8.20 7.69 1.47
CA LEU A 16 -7.84 6.48 0.73
C LEU A 16 -7.49 6.78 -0.72
N ARG A 17 -7.60 8.03 -1.15
CA ARG A 17 -7.29 8.44 -2.51
C ARG A 17 -5.98 9.21 -2.60
N LYS A 18 -5.30 9.33 -1.48
CA LYS A 18 -4.10 10.16 -1.45
C LYS A 18 -2.82 9.33 -1.59
N LEU A 19 -1.84 9.89 -2.24
CA LEU A 19 -0.52 9.24 -2.23
C LEU A 19 0.50 10.22 -1.69
N PHE A 20 1.24 9.81 -0.66
N PHE A 20 1.26 9.81 -0.67
CA PHE A 20 2.34 10.67 -0.16
CA PHE A 20 2.34 10.67 -0.16
C PHE A 20 3.57 10.35 -1.00
C PHE A 20 3.57 10.36 -0.96
N ILE A 21 4.18 11.39 -1.55
CA ILE A 21 5.36 11.16 -2.43
C ILE A 21 6.62 11.72 -1.75
N GLY A 22 7.48 10.81 -1.35
CA GLY A 22 8.75 11.24 -0.75
C GLY A 22 9.86 11.17 -1.75
N GLY A 23 10.98 11.75 -1.38
CA GLY A 23 12.16 11.70 -2.22
C GLY A 23 12.12 12.61 -3.43
N LEU A 24 11.32 13.69 -3.38
CA LEU A 24 11.21 14.56 -4.54
C LEU A 24 12.51 15.30 -4.80
N SER A 25 12.75 15.54 -6.09
CA SER A 25 13.71 16.58 -6.43
C SER A 25 13.26 17.91 -5.85
N PHE A 26 14.21 18.67 -5.32
CA PHE A 26 13.89 20.01 -4.83
C PHE A 26 13.39 20.92 -5.95
N GLU A 27 13.58 20.55 -7.21
CA GLU A 27 13.07 21.34 -8.33
C GLU A 27 11.64 20.99 -8.70
N THR A 28 11.08 19.90 -8.16
CA THR A 28 9.70 19.55 -8.45
C THR A 28 8.74 20.57 -7.86
N THR A 29 7.76 20.95 -8.66
CA THR A 29 6.76 21.96 -8.28
C THR A 29 5.39 21.30 -8.27
N ASP A 30 4.40 22.03 -7.73
CA ASP A 30 3.02 21.56 -7.81
C ASP A 30 2.68 21.18 -9.25
N GLU A 31 3.12 22.00 -10.19
CA GLU A 31 2.76 21.80 -11.58
C GLU A 31 3.46 20.60 -12.19
N SER A 32 4.75 20.40 -11.87
CA SER A 32 5.45 19.26 -12.47
C SER A 32 5.07 17.94 -11.81
N LEU A 33 4.76 17.98 -10.52
CA LEU A 33 4.25 16.78 -9.87
C LEU A 33 2.89 16.39 -10.45
N ARG A 34 2.04 17.37 -10.68
CA ARG A 34 0.73 17.11 -11.26
C ARG A 34 0.85 16.58 -12.69
N SER A 35 1.67 17.23 -13.53
CA SER A 35 1.83 16.77 -14.90
C SER A 35 2.28 15.31 -14.92
N HIS A 36 3.16 14.93 -13.99
CA HIS A 36 3.59 13.54 -13.95
C HIS A 36 2.45 12.61 -13.53
N PHE A 37 1.85 12.87 -12.37
CA PHE A 37 0.91 11.90 -11.82
C PHE A 37 -0.46 11.91 -12.49
N GLU A 38 -0.78 12.96 -13.26
CA GLU A 38 -2.01 12.92 -14.04
C GLU A 38 -2.00 11.84 -15.12
N GLN A 39 -0.85 11.23 -15.41
CA GLN A 39 -0.87 10.14 -16.39
C GLN A 39 -1.71 8.97 -15.92
N TRP A 40 -1.95 8.83 -14.61
CA TRP A 40 -2.65 7.67 -14.08
C TRP A 40 -4.02 7.98 -13.51
N GLY A 41 -4.50 9.20 -13.63
CA GLY A 41 -5.85 9.50 -13.21
C GLY A 41 -6.05 10.99 -12.99
N THR A 42 -7.30 11.33 -12.68
CA THR A 42 -7.67 12.71 -12.39
C THR A 42 -7.17 13.08 -11.00
N LEU A 43 -6.44 14.18 -10.89
CA LEU A 43 -5.92 14.65 -9.61
C LEU A 43 -6.80 15.79 -9.09
N THR A 44 -7.44 15.56 -7.95
CA THR A 44 -8.19 16.62 -7.29
C THR A 44 -7.32 17.52 -6.42
N ASP A 45 -6.09 17.12 -6.11
CA ASP A 45 -5.17 17.94 -5.34
C ASP A 45 -3.77 17.45 -5.63
N CYS A 46 -2.81 18.36 -5.53
CA CYS A 46 -1.40 18.02 -5.80
C CYS A 46 -0.55 19.15 -5.22
N VAL A 47 0.23 18.85 -4.18
N VAL A 47 0.24 18.83 -4.20
CA VAL A 47 0.97 19.86 -3.44
CA VAL A 47 0.99 19.83 -3.46
C VAL A 47 2.38 19.37 -3.13
C VAL A 47 2.40 19.34 -3.20
N VAL A 48 3.37 20.24 -3.36
CA VAL A 48 4.73 20.04 -2.88
C VAL A 48 4.86 20.76 -1.55
N MET A 49 5.33 20.07 -0.52
CA MET A 49 5.54 20.72 0.77
C MET A 49 6.80 21.58 0.73
N ARG A 50 6.68 22.81 1.24
CA ARG A 50 7.79 23.76 1.22
C ARG A 50 7.97 24.42 2.58
N ASP A 51 9.18 24.89 2.81
CA ASP A 51 9.44 25.65 4.02
C ASP A 51 8.62 26.95 4.01
N PRO A 52 8.01 27.32 5.12
CA PRO A 52 7.16 28.53 5.13
C PRO A 52 7.93 29.82 4.92
N ASN A 53 9.22 29.85 5.24
CA ASN A 53 9.99 31.09 5.11
C ASN A 53 10.83 31.14 3.85
N THR A 54 11.52 30.05 3.51
CA THR A 54 12.44 30.08 2.38
C THR A 54 11.77 29.66 1.08
N LYS A 55 10.62 29.00 1.14
CA LYS A 55 9.95 28.38 -0.01
C LYS A 55 10.74 27.21 -0.60
N ARG A 56 11.85 26.83 0.02
CA ARG A 56 12.61 25.67 -0.46
C ARG A 56 11.82 24.40 -0.19
N SER A 57 11.78 23.52 -1.19
CA SER A 57 11.08 22.24 -1.06
C SER A 57 11.56 21.47 0.14
N ARG A 58 10.61 20.81 0.81
CA ARG A 58 10.91 19.85 1.85
C ARG A 58 11.18 18.45 1.31
N GLY A 59 11.11 18.28 -0.01
CA GLY A 59 11.44 17.00 -0.61
C GLY A 59 10.33 15.99 -0.61
N PHE A 60 9.11 16.43 -0.32
CA PHE A 60 7.96 15.51 -0.38
C PHE A 60 6.71 16.29 -0.64
N GLY A 61 5.68 15.54 -1.01
CA GLY A 61 4.40 16.15 -1.28
C GLY A 61 3.35 15.08 -1.39
N PHE A 62 2.16 15.49 -1.83
N PHE A 62 2.16 15.49 -1.84
CA PHE A 62 1.06 14.52 -1.94
CA PHE A 62 1.05 14.53 -1.92
C PHE A 62 0.19 14.82 -3.13
C PHE A 62 0.18 14.81 -3.12
N VAL A 63 -0.49 13.78 -3.63
CA VAL A 63 -1.42 13.98 -4.76
C VAL A 63 -2.68 13.25 -4.29
N THR A 64 -3.84 13.74 -4.71
CA THR A 64 -5.12 13.08 -4.42
C THR A 64 -5.80 12.76 -5.72
N TYR A 65 -6.08 11.49 -5.94
CA TYR A 65 -6.79 11.04 -7.13
C TYR A 65 -8.29 11.05 -6.88
N ALA A 66 -9.06 11.00 -7.98
CA ALA A 66 -10.51 10.97 -7.87
C ALA A 66 -11.04 9.64 -7.37
N THR A 67 -10.30 8.55 -7.59
CA THR A 67 -10.76 7.21 -7.21
C THR A 67 -9.60 6.37 -6.71
N VAL A 68 -9.96 5.34 -5.94
CA VAL A 68 -8.98 4.36 -5.47
C VAL A 68 -8.34 3.59 -6.62
N GLU A 69 -9.13 3.25 -7.65
CA GLU A 69 -8.54 2.57 -8.80
C GLU A 69 -7.43 3.38 -9.45
N GLU A 70 -7.54 4.71 -9.42
CA GLU A 70 -6.45 5.54 -9.94
C GLU A 70 -5.22 5.47 -9.06
N VAL A 71 -5.40 5.45 -7.74
CA VAL A 71 -4.27 5.21 -6.83
C VAL A 71 -3.58 3.92 -7.20
N ASP A 72 -4.37 2.84 -7.37
CA ASP A 72 -3.80 1.56 -7.76
C ASP A 72 -2.99 1.67 -9.05
N ALA A 73 -3.55 2.37 -10.05
CA ALA A 73 -2.85 2.51 -11.32
C ALA A 73 -1.51 3.20 -11.14
N ALA A 74 -1.49 4.26 -10.33
CA ALA A 74 -0.24 4.97 -10.08
C ALA A 74 0.76 4.09 -9.35
N MET A 75 0.30 3.34 -8.34
CA MET A 75 1.24 2.47 -7.63
C MET A 75 1.73 1.34 -8.53
N ASN A 76 0.87 0.85 -9.43
CA ASN A 76 1.31 -0.23 -10.31
C ASN A 76 2.33 0.26 -11.34
N ALA A 77 2.42 1.58 -11.55
CA ALA A 77 3.35 2.15 -12.51
C ALA A 77 4.69 2.53 -11.89
N ARG A 78 4.91 2.24 -10.60
CA ARG A 78 6.23 2.40 -10.02
C ARG A 78 7.24 1.53 -10.77
N PRO A 79 8.52 1.89 -10.78
CA PRO A 79 9.10 3.10 -10.16
C PRO A 79 8.77 4.34 -10.94
N HIS A 80 8.53 5.43 -10.22
CA HIS A 80 8.26 6.74 -10.82
C HIS A 80 9.51 7.60 -10.76
N LYS A 81 9.97 8.06 -11.92
CA LYS A 81 11.06 9.02 -12.00
C LYS A 81 10.43 10.36 -12.33
N VAL A 82 10.49 11.29 -11.37
CA VAL A 82 9.81 12.58 -11.46
C VAL A 82 10.90 13.63 -11.47
N ASP A 83 10.96 14.40 -12.56
CA ASP A 83 11.97 15.44 -12.69
C ASP A 83 13.37 14.89 -12.44
N GLY A 84 13.62 13.67 -12.95
CA GLY A 84 14.94 13.09 -12.94
C GLY A 84 15.30 12.26 -11.72
N ARG A 85 14.40 12.13 -10.74
CA ARG A 85 14.70 11.44 -9.50
C ARG A 85 13.62 10.39 -9.24
N VAL A 86 14.04 9.20 -8.82
CA VAL A 86 13.07 8.16 -8.45
C VAL A 86 12.48 8.52 -7.09
N VAL A 87 11.15 8.64 -7.05
CA VAL A 87 10.44 9.08 -5.86
C VAL A 87 9.84 7.88 -5.15
N GLU A 88 9.23 8.11 -3.98
CA GLU A 88 8.74 7.03 -3.13
C GLU A 88 7.27 7.29 -2.79
N PRO A 89 6.35 6.81 -3.61
CA PRO A 89 4.93 6.97 -3.30
C PRO A 89 4.45 5.92 -2.30
N LYS A 90 3.59 6.36 -1.38
CA LYS A 90 2.95 5.46 -0.43
C LYS A 90 1.55 5.95 -0.15
N ARG A 91 0.64 5.02 0.08
CA ARG A 91 -0.70 5.43 0.49
C ARG A 91 -0.64 6.09 1.87
N ALA A 92 -1.67 6.92 2.13
CA ALA A 92 -1.81 7.60 3.41
C ALA A 92 -1.83 6.59 4.55
N VAL A 93 -1.40 7.06 5.73
CA VAL A 93 -1.41 6.22 6.92
C VAL A 93 -2.85 5.94 7.36
N SER A 94 -3.05 4.79 7.99
CA SER A 94 -4.35 4.42 8.53
C SER A 94 -4.23 4.10 10.02
N HIS A 104 4.20 6.24 8.47
CA HIS A 104 3.90 5.02 7.74
C HIS A 104 4.78 3.87 8.24
N LEU A 105 4.13 2.75 8.58
CA LEU A 105 4.82 1.53 8.97
C LEU A 105 4.99 0.69 7.71
N THR A 106 6.15 0.80 7.07
CA THR A 106 6.33 0.27 5.73
C THR A 106 6.87 -1.15 5.81
N VAL A 107 5.98 -2.13 5.68
CA VAL A 107 6.34 -3.54 5.82
C VAL A 107 5.75 -4.33 4.66
N LYS A 108 6.32 -5.51 4.44
CA LYS A 108 5.90 -6.40 3.37
C LYS A 108 5.23 -7.66 3.87
N LYS A 109 4.97 -7.76 5.17
CA LYS A 109 4.47 -9.00 5.76
C LYS A 109 3.19 -8.72 6.52
N ILE A 110 2.24 -9.65 6.43
CA ILE A 110 0.99 -9.57 7.19
C ILE A 110 0.82 -10.79 8.07
N PHE A 111 0.17 -10.56 9.21
CA PHE A 111 -0.42 -11.60 10.04
C PHE A 111 -1.85 -11.83 9.56
N VAL A 112 -2.23 -13.09 9.42
CA VAL A 112 -3.58 -13.50 9.03
C VAL A 112 -4.09 -14.42 10.13
N GLY A 113 -5.08 -13.96 10.89
CA GLY A 113 -5.61 -14.75 11.99
C GLY A 113 -7.04 -15.19 11.74
N GLY A 114 -7.48 -16.24 12.44
CA GLY A 114 -8.83 -16.72 12.32
C GLY A 114 -9.05 -17.74 11.23
N ILE A 115 -7.98 -18.37 10.73
CA ILE A 115 -8.08 -19.31 9.63
C ILE A 115 -8.34 -20.74 10.09
N LYS A 116 -8.31 -20.99 11.40
CA LYS A 116 -8.64 -22.30 11.97
C LYS A 116 -7.69 -23.39 11.48
N GLU A 117 -8.12 -24.65 11.54
CA GLU A 117 -7.24 -25.77 11.22
C GLU A 117 -7.38 -26.25 9.78
N ASP A 118 -8.39 -25.81 9.05
CA ASP A 118 -8.65 -26.34 7.71
C ASP A 118 -8.12 -25.46 6.58
N THR A 119 -7.50 -24.34 6.89
CA THR A 119 -6.99 -23.44 5.86
C THR A 119 -5.57 -23.85 5.46
N GLU A 120 -5.35 -23.98 4.16
CA GLU A 120 -4.10 -24.45 3.58
C GLU A 120 -3.40 -23.33 2.82
N GLU A 121 -2.19 -23.63 2.36
CA GLU A 121 -1.40 -22.64 1.64
C GLU A 121 -2.13 -22.12 0.41
N HIS A 122 -2.76 -23.01 -0.36
CA HIS A 122 -3.38 -22.58 -1.60
C HIS A 122 -4.58 -21.65 -1.36
N HIS A 123 -5.29 -21.82 -0.24
CA HIS A 123 -6.36 -20.88 0.10
C HIS A 123 -5.81 -19.48 0.25
N LEU A 124 -4.71 -19.35 0.98
CA LEU A 124 -4.12 -18.04 1.20
C LEU A 124 -3.51 -17.49 -0.08
N ARG A 125 -2.83 -18.33 -0.86
CA ARG A 125 -2.23 -17.87 -2.10
C ARG A 125 -3.28 -17.37 -3.08
N ASP A 126 -4.34 -18.17 -3.29
CA ASP A 126 -5.34 -17.82 -4.28
C ASP A 126 -6.00 -16.49 -3.94
N TYR A 127 -6.21 -16.22 -2.65
CA TYR A 127 -6.80 -14.95 -2.26
C TYR A 127 -5.80 -13.81 -2.32
N PHE A 128 -4.66 -13.96 -1.64
CA PHE A 128 -3.77 -12.82 -1.47
C PHE A 128 -2.96 -12.48 -2.71
N GLU A 129 -2.84 -13.40 -3.67
CA GLU A 129 -2.05 -13.11 -4.86
C GLU A 129 -2.63 -11.97 -5.68
N GLN A 130 -3.92 -11.66 -5.50
CA GLN A 130 -4.51 -10.53 -6.21
C GLN A 130 -4.16 -9.19 -5.58
N TYR A 131 -3.54 -9.18 -4.41
CA TYR A 131 -3.04 -7.94 -3.82
C TYR A 131 -1.59 -7.68 -4.18
N GLY A 132 -0.84 -8.69 -4.53
CA GLY A 132 0.55 -8.49 -4.87
C GLY A 132 1.26 -9.81 -5.01
N LYS A 133 2.54 -9.72 -5.37
CA LYS A 133 3.34 -10.90 -5.60
C LYS A 133 3.80 -11.49 -4.28
N ILE A 134 3.44 -12.75 -4.04
CA ILE A 134 3.74 -13.41 -2.77
C ILE A 134 5.11 -14.05 -2.85
N GLU A 135 5.92 -13.85 -1.81
CA GLU A 135 7.21 -14.53 -1.69
C GLU A 135 7.21 -15.66 -0.67
N VAL A 136 6.48 -15.54 0.44
CA VAL A 136 6.47 -16.56 1.49
C VAL A 136 5.07 -16.67 2.06
N ILE A 137 4.61 -17.91 2.25
CA ILE A 137 3.42 -18.19 3.05
C ILE A 137 3.84 -19.13 4.17
N GLU A 138 3.57 -18.72 5.40
CA GLU A 138 3.94 -19.51 6.58
C GLU A 138 2.68 -19.79 7.38
N ILE A 139 2.17 -21.02 7.28
CA ILE A 139 1.03 -21.46 8.08
C ILE A 139 1.59 -21.97 9.41
N MET A 140 1.15 -21.36 10.51
CA MET A 140 1.77 -21.63 11.80
C MET A 140 1.22 -22.90 12.41
N THR A 141 2.14 -23.70 12.95
CA THR A 141 1.81 -24.96 13.59
C THR A 141 2.41 -25.01 14.99
N ASP A 142 1.81 -25.85 15.81
CA ASP A 142 2.23 -25.97 17.20
C ASP A 142 3.59 -26.66 17.28
N ARG A 143 4.51 -26.06 18.04
CA ARG A 143 5.88 -26.55 18.13
C ARG A 143 5.92 -27.96 18.70
N GLY A 144 4.97 -28.33 19.55
CA GLY A 144 4.97 -29.65 20.15
C GLY A 144 4.24 -30.71 19.35
N SER A 145 3.05 -30.39 18.84
CA SER A 145 2.17 -31.38 18.23
C SER A 145 2.12 -31.31 16.71
N GLY A 146 2.56 -30.20 16.12
CA GLY A 146 2.41 -29.99 14.69
C GLY A 146 1.04 -29.57 14.23
N LYS A 147 0.07 -29.44 15.14
CA LYS A 147 -1.27 -29.04 14.74
C LYS A 147 -1.30 -27.58 14.31
N LYS A 148 -2.17 -27.29 13.34
CA LYS A 148 -2.31 -25.91 12.91
C LYS A 148 -2.85 -25.05 14.04
N ARG A 149 -2.29 -23.85 14.18
CA ARG A 149 -2.68 -22.94 15.24
C ARG A 149 -3.77 -21.96 14.82
N GLY A 150 -4.11 -21.91 13.55
CA GLY A 150 -5.15 -21.02 13.09
C GLY A 150 -4.68 -19.63 12.70
N PHE A 151 -3.39 -19.46 12.39
CA PHE A 151 -2.92 -18.20 11.85
C PHE A 151 -1.74 -18.43 10.93
N ALA A 152 -1.41 -17.40 10.15
CA ALA A 152 -0.39 -17.51 9.13
C ALA A 152 0.25 -16.14 8.91
N PHE A 153 1.42 -16.15 8.28
CA PHE A 153 2.06 -14.94 7.80
C PHE A 153 2.26 -15.03 6.29
N VAL A 154 2.01 -13.91 5.61
CA VAL A 154 2.21 -13.83 4.17
C VAL A 154 3.18 -12.68 3.92
N THR A 155 4.25 -12.95 3.18
CA THR A 155 5.24 -11.96 2.80
C THR A 155 5.14 -11.70 1.31
N PHE A 156 5.01 -10.42 0.96
CA PHE A 156 4.93 -9.97 -0.43
C PHE A 156 6.27 -9.37 -0.85
N ASP A 157 6.39 -9.11 -2.15
CA ASP A 157 7.62 -8.46 -2.62
C ASP A 157 7.59 -6.94 -2.46
N ASP A 158 6.51 -6.38 -1.94
CA ASP A 158 6.34 -4.93 -1.96
C ASP A 158 5.29 -4.54 -0.94
N HIS A 159 5.47 -3.35 -0.36
CA HIS A 159 4.64 -2.89 0.74
C HIS A 159 3.24 -2.47 0.32
N ASP A 160 3.03 -2.11 -0.97
CA ASP A 160 1.72 -1.61 -1.33
C ASP A 160 0.66 -2.70 -1.22
N SER A 161 1.03 -3.94 -1.48
N SER A 161 1.04 -3.95 -1.47
CA SER A 161 0.11 -5.07 -1.25
CA SER A 161 0.11 -5.07 -1.25
C SER A 161 -0.43 -5.03 0.17
C SER A 161 -0.42 -5.07 0.17
N VAL A 162 0.49 -4.94 1.15
CA VAL A 162 0.09 -4.89 2.55
C VAL A 162 -0.79 -3.68 2.83
N ASP A 163 -0.42 -2.53 2.29
CA ASP A 163 -1.19 -1.31 2.52
C ASP A 163 -2.61 -1.44 2.00
N LYS A 164 -2.79 -2.04 0.83
CA LYS A 164 -4.14 -2.29 0.31
C LYS A 164 -4.90 -3.26 1.20
N ILE A 165 -4.22 -4.29 1.69
CA ILE A 165 -4.88 -5.33 2.46
C ILE A 165 -5.41 -4.78 3.78
N VAL A 166 -4.58 -4.04 4.52
CA VAL A 166 -4.97 -3.68 5.88
C VAL A 166 -6.01 -2.59 5.96
N ILE A 167 -6.28 -1.87 4.86
CA ILE A 167 -7.33 -0.88 4.88
C ILE A 167 -8.71 -1.46 4.55
N GLN A 168 -8.78 -2.69 4.05
CA GLN A 168 -10.07 -3.33 3.86
C GLN A 168 -10.72 -3.59 5.22
N LYS A 169 -12.03 -3.42 5.29
CA LYS A 169 -12.75 -3.76 6.50
C LYS A 169 -12.80 -5.28 6.74
N TYR A 170 -12.83 -6.08 5.68
CA TYR A 170 -13.11 -7.51 5.77
C TYR A 170 -12.15 -8.29 4.89
N HIS A 171 -11.82 -9.50 5.34
CA HIS A 171 -11.12 -10.49 4.51
C HIS A 171 -11.76 -11.85 4.75
N THR A 172 -12.26 -12.46 3.68
CA THR A 172 -12.88 -13.78 3.74
C THR A 172 -11.99 -14.75 2.99
N VAL A 173 -11.45 -15.72 3.72
CA VAL A 173 -10.52 -16.71 3.16
C VAL A 173 -10.99 -18.08 3.64
N ASN A 174 -11.28 -18.98 2.70
CA ASN A 174 -11.70 -20.34 3.03
C ASN A 174 -12.93 -20.32 3.93
N GLY A 175 -13.84 -19.38 3.66
CA GLY A 175 -15.05 -19.23 4.42
C GLY A 175 -14.91 -18.55 5.76
N HIS A 176 -13.68 -18.25 6.20
CA HIS A 176 -13.46 -17.66 7.50
C HIS A 176 -13.31 -16.14 7.36
N ASN A 177 -13.94 -15.42 8.30
CA ASN A 177 -13.73 -13.99 8.44
C ASN A 177 -12.42 -13.79 9.20
N CYS A 178 -11.41 -13.25 8.50
CA CYS A 178 -10.06 -13.22 9.03
C CYS A 178 -9.69 -11.86 9.59
N GLU A 179 -8.79 -11.88 10.56
CA GLU A 179 -8.16 -10.68 11.09
C GLU A 179 -6.79 -10.53 10.41
N VAL A 180 -6.54 -9.39 9.81
CA VAL A 180 -5.30 -9.18 9.07
C VAL A 180 -4.65 -7.91 9.57
N ARG A 181 -3.37 -8.00 9.92
CA ARG A 181 -2.64 -6.83 10.37
C ARG A 181 -1.21 -6.86 9.84
N LYS A 182 -0.57 -5.69 9.82
CA LYS A 182 0.83 -5.63 9.47
C LYS A 182 1.65 -6.39 10.51
N ALA A 183 2.67 -7.11 10.04
CA ALA A 183 3.52 -7.93 10.90
C ALA A 183 4.93 -7.37 10.94
N LEU A 184 5.50 -7.31 12.15
CA LEU A 184 6.84 -6.76 12.40
C LEU A 184 7.00 -5.38 11.77
#